data_1QB3
#
_entry.id   1QB3
#
_cell.length_a   105.810
_cell.length_b   105.810
_cell.length_c   165.880
_cell.angle_alpha   90.00
_cell.angle_beta   90.00
_cell.angle_gamma   120.00
#
_symmetry.space_group_name_H-M   'P 62 2 2'
#
loop_
_entity.id
_entity.type
_entity.pdbx_description
1 polymer 'CYCLIN-DEPENDENT KINASES REGULATORY SUBUNIT'
2 water water
#
_entity_poly.entity_id   1
_entity_poly.type   'polypeptide(L)'
_entity_poly.pdbx_seq_one_letter_code
;MYHHYHAFQGRKLTDQERARVLEFQDSIHYSPRYSDDNYEYRHVMLPKAMLKVIPSDYFNSEVGTLRILTEDEWRGLGIT
QSLGWEHYECHAPEPHILLFKRPLNYEAELRAATAAAQQQQQQQQQQQQQQQQHQTQSISNDMQVPPQIS
;
_entity_poly.pdbx_strand_id   A,B,C
#
# COMPACT_ATOMS: atom_id res chain seq x y z
N HIS A 6 -2.23 -26.27 -8.99
CA HIS A 6 -2.49 -25.65 -7.66
C HIS A 6 -3.47 -26.49 -6.83
N ALA A 7 -4.51 -27.02 -7.47
CA ALA A 7 -5.51 -27.83 -6.78
C ALA A 7 -6.53 -26.90 -6.12
N PHE A 8 -6.91 -25.86 -6.85
CA PHE A 8 -7.87 -24.87 -6.43
C PHE A 8 -8.25 -24.89 -4.94
N GLN A 9 -7.78 -23.87 -4.22
CA GLN A 9 -8.07 -23.74 -2.82
C GLN A 9 -9.33 -22.91 -2.84
N GLY A 10 -10.44 -23.56 -2.54
CA GLY A 10 -11.69 -22.86 -2.54
C GLY A 10 -12.68 -23.66 -3.32
N ARG A 11 -13.78 -23.01 -3.68
CA ARG A 11 -14.86 -23.63 -4.40
C ARG A 11 -14.74 -23.28 -5.88
N LYS A 12 -14.02 -24.09 -6.64
CA LYS A 12 -13.88 -23.78 -8.07
C LYS A 12 -15.25 -23.60 -8.73
N LEU A 13 -15.31 -22.72 -9.74
CA LEU A 13 -16.57 -22.45 -10.45
C LEU A 13 -16.75 -23.51 -11.51
N THR A 14 -18.02 -23.85 -11.77
CA THR A 14 -18.35 -24.85 -12.78
C THR A 14 -18.13 -24.19 -14.11
N ASP A 15 -17.95 -25.02 -15.13
CA ASP A 15 -17.72 -24.53 -16.46
C ASP A 15 -18.78 -23.52 -16.85
N GLN A 16 -20.01 -23.71 -16.38
CA GLN A 16 -21.07 -22.76 -16.70
C GLN A 16 -20.87 -21.48 -15.95
N GLU A 17 -20.63 -21.60 -14.66
CA GLU A 17 -20.40 -20.41 -13.85
C GLU A 17 -19.28 -19.61 -14.49
N ARG A 18 -18.13 -20.28 -14.65
CA ARG A 18 -16.97 -19.67 -15.25
C ARG A 18 -17.35 -18.90 -16.49
N ALA A 19 -17.96 -19.59 -17.44
CA ALA A 19 -18.35 -18.99 -18.70
C ALA A 19 -19.31 -17.79 -18.57
N ARG A 20 -20.16 -17.76 -17.55
CA ARG A 20 -21.07 -16.61 -17.44
C ARG A 20 -20.46 -15.38 -16.76
N VAL A 21 -19.48 -15.62 -15.88
CA VAL A 21 -18.81 -14.53 -15.17
C VAL A 21 -17.83 -13.87 -16.09
N LEU A 22 -17.04 -14.70 -16.78
CA LEU A 22 -16.04 -14.15 -17.68
C LEU A 22 -16.56 -13.13 -18.69
N GLU A 23 -17.88 -13.06 -18.81
CA GLU A 23 -18.47 -12.13 -19.73
C GLU A 23 -18.09 -10.71 -19.32
N PHE A 24 -18.00 -10.46 -18.02
CA PHE A 24 -17.68 -9.13 -17.51
C PHE A 24 -16.20 -8.77 -17.35
N GLN A 25 -15.33 -9.77 -17.46
CA GLN A 25 -13.91 -9.54 -17.30
C GLN A 25 -13.39 -8.21 -17.85
N ASP A 26 -13.62 -7.93 -19.14
CA ASP A 26 -13.14 -6.71 -19.76
C ASP A 26 -13.65 -5.43 -19.20
N SER A 27 -14.57 -5.50 -18.22
CA SER A 27 -15.16 -4.30 -17.63
C SER A 27 -14.85 -4.14 -16.15
N ILE A 28 -14.00 -5.03 -15.62
CA ILE A 28 -13.60 -4.98 -14.22
C ILE A 28 -12.60 -3.84 -14.15
N HIS A 29 -12.66 -3.01 -13.10
CA HIS A 29 -11.77 -1.86 -13.01
C HIS A 29 -10.84 -1.91 -11.82
N TYR A 30 -9.58 -1.53 -12.04
CA TYR A 30 -8.55 -1.52 -11.00
C TYR A 30 -8.15 -0.14 -10.59
N SER A 31 -8.19 0.12 -9.29
CA SER A 31 -7.83 1.43 -8.77
C SER A 31 -6.33 1.50 -8.68
N PRO A 32 -5.79 2.72 -8.57
CA PRO A 32 -4.36 2.90 -8.46
C PRO A 32 -3.96 2.38 -7.08
N ARG A 33 -2.71 1.98 -6.90
CA ARG A 33 -2.35 1.45 -5.58
C ARG A 33 -2.08 2.64 -4.66
N TYR A 34 -2.10 2.42 -3.36
CA TYR A 34 -1.71 3.44 -2.37
C TYR A 34 -1.09 2.63 -1.25
N SER A 35 -0.41 3.27 -0.33
CA SER A 35 0.22 2.47 0.72
C SER A 35 0.31 3.13 2.05
N ASP A 36 0.55 2.30 3.04
CA ASP A 36 0.75 2.77 4.38
C ASP A 36 2.12 2.24 4.94
N ASP A 37 2.26 2.13 6.26
CA ASP A 37 3.50 1.66 6.86
C ASP A 37 3.77 0.19 6.64
N ASN A 38 2.73 -0.59 6.40
CA ASN A 38 2.92 -2.01 6.24
C ASN A 38 2.41 -2.59 4.93
N TYR A 39 1.40 -1.92 4.39
CA TYR A 39 0.78 -2.43 3.21
C TYR A 39 0.65 -1.54 2.01
N GLU A 40 0.41 -2.23 0.93
CA GLU A 40 0.21 -1.62 -0.34
C GLU A 40 -1.25 -1.95 -0.49
N TYR A 41 -2.03 -1.02 -1.02
CA TYR A 41 -3.48 -1.20 -1.19
C TYR A 41 -4.05 -0.83 -2.54
N ARG A 42 -5.19 -1.41 -2.82
CA ARG A 42 -5.96 -1.13 -4.04
C ARG A 42 -7.30 -1.84 -3.99
N HIS A 43 -8.22 -1.39 -4.83
CA HIS A 43 -9.49 -2.08 -4.87
C HIS A 43 -9.93 -2.31 -6.29
N VAL A 44 -10.65 -3.41 -6.48
CA VAL A 44 -11.20 -3.78 -7.75
C VAL A 44 -12.70 -3.51 -7.73
N MET A 45 -13.20 -2.74 -8.69
CA MET A 45 -14.64 -2.44 -8.77
C MET A 45 -15.25 -3.29 -9.90
N LEU A 46 -16.19 -4.18 -9.58
CA LEU A 46 -16.86 -5.02 -10.58
C LEU A 46 -18.13 -4.38 -11.09
N PRO A 47 -18.46 -4.60 -12.36
CA PRO A 47 -19.69 -4.01 -12.90
C PRO A 47 -20.84 -4.78 -12.23
N LYS A 48 -21.72 -4.03 -11.54
CA LYS A 48 -22.84 -4.57 -10.80
C LYS A 48 -23.50 -5.79 -11.41
N ALA A 49 -23.80 -5.68 -12.70
CA ALA A 49 -24.40 -6.75 -13.46
C ALA A 49 -23.76 -8.07 -13.07
N MET A 50 -22.44 -8.06 -13.08
CA MET A 50 -21.62 -9.22 -12.77
C MET A 50 -21.94 -9.80 -11.41
N LEU A 51 -22.37 -8.94 -10.49
CA LEU A 51 -22.66 -9.43 -9.16
C LEU A 51 -23.71 -10.51 -9.28
N LYS A 52 -24.73 -10.19 -10.10
CA LYS A 52 -25.84 -11.08 -10.34
C LYS A 52 -25.45 -12.44 -10.84
N VAL A 53 -24.32 -12.55 -11.53
CA VAL A 53 -23.93 -13.85 -12.04
C VAL A 53 -22.90 -14.59 -11.19
N ILE A 54 -22.54 -14.03 -10.04
CA ILE A 54 -21.55 -14.66 -9.17
C ILE A 54 -22.28 -15.64 -8.29
N PRO A 55 -21.79 -16.89 -8.21
CA PRO A 55 -22.43 -17.92 -7.37
C PRO A 55 -22.81 -17.37 -6.01
N SER A 56 -23.84 -17.91 -5.39
CA SER A 56 -24.23 -17.39 -4.11
C SER A 56 -23.38 -17.91 -2.95
N ASP A 57 -22.62 -18.97 -3.14
CA ASP A 57 -21.77 -19.40 -2.04
C ASP A 57 -20.53 -18.50 -1.94
N TYR A 58 -20.40 -17.55 -2.87
CA TYR A 58 -19.30 -16.60 -2.89
C TYR A 58 -19.77 -15.38 -2.14
N PHE A 59 -20.93 -15.50 -1.51
CA PHE A 59 -21.48 -14.38 -0.75
C PHE A 59 -21.63 -14.58 0.74
N ASN A 60 -21.68 -13.46 1.44
CA ASN A 60 -21.84 -13.44 2.88
C ASN A 60 -23.34 -13.16 3.07
N SER A 61 -24.12 -14.21 3.31
CA SER A 61 -25.56 -14.07 3.46
C SER A 61 -26.02 -13.01 4.47
N GLU A 62 -25.21 -12.74 5.50
CA GLU A 62 -25.54 -11.77 6.54
C GLU A 62 -25.34 -10.33 6.12
N VAL A 63 -24.54 -10.11 5.07
CA VAL A 63 -24.25 -8.76 4.64
C VAL A 63 -24.58 -8.45 3.19
N GLY A 64 -24.47 -9.43 2.31
CA GLY A 64 -24.76 -9.19 0.91
C GLY A 64 -23.51 -8.82 0.12
N THR A 65 -22.36 -8.91 0.81
CA THR A 65 -21.08 -8.62 0.19
C THR A 65 -20.47 -9.99 -0.09
N LEU A 66 -19.30 -10.02 -0.72
CA LEU A 66 -18.65 -11.29 -1.01
C LEU A 66 -17.86 -11.77 0.18
N ARG A 67 -17.90 -13.06 0.45
CA ARG A 67 -17.13 -13.58 1.57
C ARG A 67 -15.64 -13.45 1.21
N ILE A 68 -14.74 -13.82 2.10
CA ILE A 68 -13.33 -13.75 1.75
C ILE A 68 -13.06 -14.73 0.63
N LEU A 69 -12.25 -14.34 -0.32
CA LEU A 69 -11.95 -15.21 -1.43
C LEU A 69 -10.50 -15.60 -1.42
N THR A 70 -10.25 -16.86 -1.73
CA THR A 70 -8.88 -17.35 -1.81
C THR A 70 -8.40 -16.76 -3.12
N GLU A 71 -7.09 -16.81 -3.36
CA GLU A 71 -6.61 -16.23 -4.58
C GLU A 71 -7.20 -16.96 -5.80
N ASP A 72 -7.18 -18.30 -5.75
CA ASP A 72 -7.70 -19.08 -6.87
C ASP A 72 -9.13 -18.70 -7.19
N GLU A 73 -9.90 -18.48 -6.14
CA GLU A 73 -11.28 -18.08 -6.31
C GLU A 73 -11.38 -16.73 -7.03
N TRP A 74 -10.78 -15.66 -6.47
CA TRP A 74 -10.92 -14.37 -7.12
C TRP A 74 -10.28 -14.27 -8.49
N ARG A 75 -9.34 -15.18 -8.78
CA ARG A 75 -8.70 -15.23 -10.09
C ARG A 75 -9.74 -15.88 -10.99
N GLY A 76 -10.46 -16.82 -10.39
CA GLY A 76 -11.53 -17.53 -11.09
C GLY A 76 -12.57 -16.58 -11.65
N LEU A 77 -12.93 -15.56 -10.88
CA LEU A 77 -13.90 -14.55 -11.33
C LEU A 77 -13.42 -13.75 -12.53
N GLY A 78 -12.14 -13.89 -12.89
CA GLY A 78 -11.59 -13.14 -14.00
C GLY A 78 -10.86 -11.87 -13.55
N ILE A 79 -10.77 -11.69 -12.23
CA ILE A 79 -10.07 -10.55 -11.67
C ILE A 79 -8.61 -10.90 -11.83
N THR A 80 -7.85 -10.01 -12.46
CA THR A 80 -6.44 -10.31 -12.68
C THR A 80 -5.47 -9.23 -12.31
N GLN A 81 -4.55 -9.62 -11.44
CA GLN A 81 -3.51 -8.76 -10.95
C GLN A 81 -2.23 -9.53 -10.59
N SER A 82 -1.15 -8.80 -10.45
CA SER A 82 0.13 -9.37 -10.14
C SER A 82 0.13 -10.18 -8.87
N LEU A 83 1.31 -10.64 -8.49
CA LEU A 83 1.48 -11.49 -7.33
C LEU A 83 1.44 -10.89 -5.95
N GLY A 84 1.08 -11.77 -5.02
CA GLY A 84 0.99 -11.41 -3.62
C GLY A 84 -0.18 -10.58 -3.15
N TRP A 85 -1.19 -10.36 -3.98
CA TRP A 85 -2.31 -9.54 -3.49
C TRP A 85 -3.21 -10.44 -2.66
N GLU A 86 -3.68 -9.89 -1.55
CA GLU A 86 -4.58 -10.54 -0.59
C GLU A 86 -5.94 -9.83 -0.52
N HIS A 87 -7.03 -10.60 -0.59
CA HIS A 87 -8.41 -10.06 -0.52
C HIS A 87 -8.82 -9.92 0.94
N TYR A 88 -9.26 -8.74 1.36
CA TYR A 88 -9.69 -8.62 2.73
C TYR A 88 -11.07 -7.97 2.69
N GLU A 89 -11.86 -8.17 3.76
CA GLU A 89 -13.23 -7.67 3.82
C GLU A 89 -13.47 -6.19 4.02
N CYS A 90 -12.70 -5.57 4.89
CA CYS A 90 -12.94 -4.17 5.11
C CYS A 90 -11.70 -3.36 5.63
N HIS A 91 -11.67 -2.06 5.32
CA HIS A 91 -10.51 -1.20 5.64
C HIS A 91 -10.73 0.00 6.58
N ALA A 92 -10.22 -0.11 7.80
CA ALA A 92 -10.41 0.96 8.79
C ALA A 92 -9.73 2.25 8.44
N PRO A 93 -10.33 3.40 8.79
CA PRO A 93 -9.75 4.70 8.50
C PRO A 93 -8.63 5.07 9.48
N GLU A 94 -8.02 6.23 9.27
CA GLU A 94 -6.93 6.68 10.14
C GLU A 94 -7.37 6.89 11.59
N PRO A 95 -6.55 6.42 12.53
CA PRO A 95 -6.82 6.53 13.96
C PRO A 95 -7.44 7.80 14.50
N HIS A 96 -7.31 8.93 13.84
CA HIS A 96 -7.90 10.14 14.40
C HIS A 96 -9.36 10.31 14.02
N ILE A 97 -9.78 9.54 13.02
CA ILE A 97 -11.14 9.55 12.46
C ILE A 97 -12.02 8.37 12.90
N LEU A 98 -13.03 8.64 13.72
CA LEU A 98 -13.95 7.61 14.24
C LEU A 98 -15.32 7.64 13.56
N LEU A 99 -15.74 6.49 13.03
CA LEU A 99 -17.03 6.30 12.34
C LEU A 99 -18.23 6.04 13.25
N PHE A 100 -19.37 6.64 12.91
CA PHE A 100 -20.59 6.46 13.68
C PHE A 100 -21.81 6.17 12.83
N LYS A 101 -22.90 5.78 13.48
CA LYS A 101 -24.15 5.51 12.78
C LYS A 101 -25.22 5.18 13.78
N ARG A 102 -26.43 5.64 13.50
CA ARG A 102 -27.60 5.32 14.32
C ARG A 102 -28.62 4.82 13.32
N PRO A 103 -29.44 3.85 13.74
CA PRO A 103 -30.51 3.22 12.93
C PRO A 103 -31.50 4.31 12.60
N LEU A 104 -31.93 4.36 11.34
CA LEU A 104 -32.87 5.42 10.93
C LEU A 104 -34.06 5.61 11.90
N ASN A 105 -34.43 4.53 12.56
CA ASN A 105 -35.53 4.56 13.51
C ASN A 105 -34.93 4.53 14.91
N TYR A 106 -33.98 5.41 15.19
CA TYR A 106 -33.38 5.39 16.51
C TYR A 106 -34.42 5.84 17.51
N GLU A 107 -35.35 6.66 17.04
CA GLU A 107 -36.41 7.17 17.91
C GLU A 107 -37.38 6.10 18.36
N ALA A 108 -37.93 5.34 17.42
CA ALA A 108 -38.84 4.27 17.77
C ALA A 108 -38.22 3.49 18.93
N GLU A 109 -36.94 3.19 18.81
CA GLU A 109 -36.24 2.39 19.81
C GLU A 109 -36.06 3.08 21.14
N LEU A 110 -35.93 4.40 21.14
CA LEU A 110 -35.77 5.08 22.41
C LEU A 110 -37.16 5.25 22.97
N ARG A 111 -38.12 5.48 22.09
CA ARG A 111 -39.52 5.66 22.48
C ARG A 111 -40.01 4.33 23.06
N ALA A 112 -39.45 3.24 22.53
CA ALA A 112 -39.75 1.87 22.96
C ALA A 112 -39.29 1.72 24.39
N ALA A 113 -38.05 2.12 24.66
CA ALA A 113 -37.55 2.05 26.00
C ALA A 113 -37.92 3.34 26.75
N THR A 114 -38.72 4.21 26.13
CA THR A 114 -39.16 5.45 26.77
C THR A 114 -40.34 5.17 27.72
N ALA A 115 -41.30 4.38 27.27
CA ALA A 115 -42.43 4.03 28.13
C ALA A 115 -41.99 2.84 29.00
N ALA A 116 -41.08 2.05 28.43
CA ALA A 116 -40.51 0.88 29.10
C ALA A 116 -40.21 1.20 30.55
N ALA A 117 -39.40 2.24 30.74
CA ALA A 117 -38.99 2.72 32.06
C ALA A 117 -39.87 2.20 33.22
N GLN A 118 -41.19 2.35 33.09
CA GLN A 118 -42.18 1.93 34.10
C GLN A 118 -41.96 0.49 34.60
N HIS B 6 10.78 -15.26 -23.07
CA HIS B 6 11.10 -15.68 -24.47
C HIS B 6 12.50 -16.30 -24.52
N ALA B 7 13.39 -15.67 -25.29
CA ALA B 7 14.77 -16.15 -25.41
C ALA B 7 15.67 -15.26 -24.53
N PHE B 8 16.62 -14.53 -25.14
CA PHE B 8 17.53 -13.70 -24.34
C PHE B 8 17.95 -12.34 -24.93
N GLN B 9 17.63 -11.27 -24.22
CA GLN B 9 17.99 -9.91 -24.62
C GLN B 9 19.32 -9.65 -23.99
N GLY B 10 20.29 -9.16 -24.75
CA GLY B 10 21.58 -8.87 -24.16
C GLY B 10 22.70 -9.86 -24.46
N ARG B 11 23.72 -9.79 -23.61
CA ARG B 11 24.89 -10.63 -23.74
C ARG B 11 24.81 -11.69 -22.68
N LYS B 12 24.19 -12.80 -23.00
CA LYS B 12 24.04 -13.85 -22.02
C LYS B 12 25.42 -14.22 -21.47
N LEU B 13 25.46 -14.66 -20.22
CA LEU B 13 26.72 -15.05 -19.58
C LEU B 13 27.05 -16.49 -19.90
N THR B 14 28.34 -16.77 -20.03
CA THR B 14 28.79 -18.14 -20.31
C THR B 14 28.51 -18.97 -19.08
N ASP B 15 28.56 -20.27 -19.29
CA ASP B 15 28.29 -21.15 -18.20
C ASP B 15 29.30 -20.86 -17.10
N GLN B 16 30.52 -20.48 -17.47
CA GLN B 16 31.54 -20.17 -16.45
C GLN B 16 31.20 -18.93 -15.68
N GLU B 17 30.90 -17.86 -16.40
CA GLU B 17 30.52 -16.60 -15.80
C GLU B 17 29.31 -16.88 -14.89
N ARG B 18 28.26 -17.45 -15.46
CA ARG B 18 27.06 -17.77 -14.71
C ARG B 18 27.40 -18.42 -13.38
N ALA B 19 28.18 -19.50 -13.43
CA ALA B 19 28.56 -20.22 -12.25
C ALA B 19 29.38 -19.32 -11.34
N ARG B 20 30.19 -18.46 -11.93
CA ARG B 20 31.01 -17.57 -11.14
C ARG B 20 30.23 -16.57 -10.28
N VAL B 21 29.28 -15.90 -10.93
CA VAL B 21 28.46 -14.89 -10.31
C VAL B 21 27.48 -15.45 -9.30
N LEU B 22 26.76 -16.47 -9.70
CA LEU B 22 25.79 -17.07 -8.82
C LEU B 22 26.30 -17.44 -7.41
N GLU B 23 27.60 -17.49 -7.23
CA GLU B 23 28.14 -17.81 -5.93
C GLU B 23 27.69 -16.77 -4.90
N PHE B 24 27.46 -15.53 -5.33
CA PHE B 24 27.05 -14.45 -4.42
C PHE B 24 25.55 -14.18 -4.29
N GLN B 25 24.75 -14.91 -5.05
CA GLN B 25 23.32 -14.69 -5.01
C GLN B 25 22.68 -14.57 -3.61
N ASP B 26 23.07 -15.43 -2.69
CA ASP B 26 22.50 -15.37 -1.34
C ASP B 26 22.91 -14.15 -0.53
N SER B 27 23.77 -13.32 -1.11
CA SER B 27 24.27 -12.14 -0.42
C SER B 27 23.82 -10.85 -1.05
N ILE B 28 23.07 -10.96 -2.14
CA ILE B 28 22.55 -9.77 -2.78
C ILE B 28 21.46 -9.22 -1.86
N HIS B 29 21.46 -7.89 -1.66
CA HIS B 29 20.51 -7.25 -0.78
C HIS B 29 19.55 -6.28 -1.47
N TYR B 30 18.26 -6.33 -1.06
CA TYR B 30 17.23 -5.50 -1.64
C TYR B 30 16.69 -4.47 -0.69
N SER B 31 16.62 -3.24 -1.14
CA SER B 31 16.10 -2.21 -0.28
C SER B 31 14.57 -2.24 -0.30
N PRO B 32 13.96 -1.53 0.64
CA PRO B 32 12.50 -1.48 0.67
C PRO B 32 12.11 -0.58 -0.51
N ARG B 33 10.90 -0.70 -1.05
CA ARG B 33 10.51 0.18 -2.16
C ARG B 33 10.02 1.52 -1.62
N TYR B 34 10.06 2.52 -2.49
CA TYR B 34 9.57 3.85 -2.17
C TYR B 34 9.00 4.38 -3.47
N SER B 35 8.17 5.40 -3.41
CA SER B 35 7.60 5.90 -4.67
C SER B 35 7.42 7.38 -4.72
N ASP B 36 7.31 7.91 -5.93
CA ASP B 36 7.02 9.32 -6.09
C ASP B 36 5.72 9.35 -6.90
N ASP B 37 5.53 10.36 -7.75
CA ASP B 37 4.29 10.40 -8.46
C ASP B 37 4.05 9.30 -9.46
N ASN B 38 4.96 9.13 -10.40
CA ASN B 38 4.78 8.16 -11.45
C ASN B 38 5.49 6.84 -11.30
N TYR B 39 6.46 6.80 -10.40
CA TYR B 39 7.23 5.59 -10.21
C TYR B 39 7.41 5.06 -8.81
N GLU B 40 7.73 3.78 -8.78
CA GLU B 40 8.02 3.02 -7.58
C GLU B 40 9.56 2.85 -7.71
N TYR B 41 10.26 2.87 -6.59
CA TYR B 41 11.72 2.73 -6.60
C TYR B 41 12.32 1.79 -5.55
N ARG B 42 13.52 1.33 -5.84
CA ARG B 42 14.24 0.46 -4.93
C ARG B 42 15.62 0.27 -5.50
N HIS B 43 16.53 -0.21 -4.68
CA HIS B 43 17.88 -0.47 -5.14
C HIS B 43 18.37 -1.79 -4.62
N VAL B 44 19.25 -2.40 -5.40
CA VAL B 44 19.82 -3.66 -5.03
C VAL B 44 21.28 -3.41 -4.72
N MET B 45 21.79 -3.89 -3.59
CA MET B 45 23.18 -3.68 -3.24
C MET B 45 23.96 -5.02 -3.40
N LEU B 46 24.97 -5.04 -4.28
CA LEU B 46 25.76 -6.27 -4.52
C LEU B 46 26.97 -6.39 -3.63
N PRO B 47 27.37 -7.62 -3.32
CA PRO B 47 28.56 -7.72 -2.46
C PRO B 47 29.75 -7.37 -3.34
N LYS B 48 30.59 -6.45 -2.88
CA LYS B 48 31.76 -6.00 -3.69
C LYS B 48 32.57 -7.08 -4.35
N ALA B 49 32.68 -8.19 -3.64
CA ALA B 49 33.37 -9.37 -4.15
C ALA B 49 32.84 -9.74 -5.51
N MET B 50 31.51 -9.76 -5.60
CA MET B 50 30.76 -10.09 -6.79
C MET B 50 31.05 -9.18 -7.93
N LEU B 51 31.40 -7.94 -7.62
CA LEU B 51 31.68 -7.00 -8.67
C LEU B 51 32.85 -7.49 -9.44
N LYS B 52 33.87 -7.98 -8.74
CA LYS B 52 35.07 -8.51 -9.38
C LYS B 52 34.83 -9.66 -10.32
N VAL B 53 33.75 -10.43 -10.13
CA VAL B 53 33.50 -11.54 -11.05
C VAL B 53 32.50 -11.26 -12.15
N ILE B 54 31.94 -10.07 -12.16
CA ILE B 54 31.01 -9.73 -13.20
C ILE B 54 31.83 -9.42 -14.44
N PRO B 55 31.42 -9.96 -15.60
CA PRO B 55 32.13 -9.74 -16.86
C PRO B 55 32.39 -8.25 -17.06
N SER B 56 33.44 -7.92 -17.79
CA SER B 56 33.71 -6.53 -17.98
C SER B 56 32.87 -5.87 -19.11
N ASP B 57 32.16 -6.63 -19.93
CA ASP B 57 31.35 -5.94 -20.91
C ASP B 57 30.06 -5.49 -20.20
N TYR B 58 29.91 -5.84 -18.93
CA TYR B 58 28.73 -5.41 -18.19
C TYR B 58 29.05 -4.08 -17.51
N PHE B 59 30.22 -3.56 -17.84
CA PHE B 59 30.65 -2.30 -17.26
C PHE B 59 30.72 -1.13 -18.20
N ASN B 60 30.71 0.04 -17.58
CA ASN B 60 30.81 1.31 -18.26
C ASN B 60 32.27 1.70 -18.04
N SER B 61 33.12 1.49 -19.04
CA SER B 61 34.55 1.78 -18.91
C SER B 61 34.89 3.21 -18.49
N GLU B 62 34.08 4.18 -18.87
CA GLU B 62 34.32 5.58 -18.52
C GLU B 62 33.95 5.92 -17.07
N VAL B 63 33.19 5.05 -16.42
CA VAL B 63 32.73 5.32 -15.06
C VAL B 63 33.05 4.23 -14.02
N GLY B 64 33.10 2.98 -14.44
CA GLY B 64 33.40 1.94 -13.48
C GLY B 64 32.17 1.35 -12.82
N THR B 65 31.01 1.82 -13.27
CA THR B 65 29.74 1.34 -12.79
C THR B 65 29.23 0.45 -13.88
N LEU B 66 28.17 -0.28 -13.58
CA LEU B 66 27.59 -1.20 -14.56
C LEU B 66 26.83 -0.45 -15.65
N ARG B 67 26.94 -0.89 -16.88
CA ARG B 67 26.18 -0.22 -17.93
C ARG B 67 24.67 -0.55 -17.70
N ILE B 68 23.79 -0.10 -18.58
CA ILE B 68 22.39 -0.43 -18.42
C ILE B 68 22.27 -1.93 -18.62
N LEU B 69 21.34 -2.53 -17.89
CA LEU B 69 21.13 -3.93 -18.01
C LEU B 69 19.73 -4.24 -18.42
N THR B 70 19.61 -5.12 -19.41
CA THR B 70 18.32 -5.60 -19.87
C THR B 70 17.78 -6.42 -18.70
N GLU B 71 16.51 -6.79 -18.72
CA GLU B 71 16.00 -7.59 -17.62
C GLU B 71 16.71 -8.93 -17.62
N ASP B 72 16.83 -9.53 -18.79
CA ASP B 72 17.47 -10.85 -18.85
C ASP B 72 18.87 -10.81 -18.25
N GLU B 73 19.59 -9.74 -18.57
CA GLU B 73 20.93 -9.56 -18.07
C GLU B 73 20.98 -9.51 -16.53
N TRP B 74 20.26 -8.59 -15.91
CA TRP B 74 20.31 -8.52 -14.47
C TRP B 74 19.71 -9.73 -13.77
N ARG B 75 18.82 -10.45 -14.47
CA ARG B 75 18.25 -11.68 -13.87
C ARG B 75 19.39 -12.70 -13.94
N GLY B 76 20.14 -12.62 -15.04
CA GLY B 76 21.28 -13.50 -15.21
C GLY B 76 22.24 -13.41 -14.05
N LEU B 77 22.48 -12.21 -13.51
CA LEU B 77 23.41 -12.03 -12.41
C LEU B 77 22.90 -12.66 -11.12
N GLY B 78 21.64 -13.09 -11.12
CA GLY B 78 21.08 -13.72 -9.94
C GLY B 78 20.23 -12.76 -9.12
N ILE B 79 20.15 -11.52 -9.59
CA ILE B 79 19.34 -10.54 -8.90
C ILE B 79 17.90 -10.96 -9.17
N THR B 80 17.14 -11.21 -8.12
CA THR B 80 15.76 -11.59 -8.37
C THR B 80 14.66 -10.74 -7.68
N GLN B 81 13.78 -10.20 -8.51
CA GLN B 81 12.65 -9.43 -8.03
C GLN B 81 11.46 -9.63 -8.96
N SER B 82 10.28 -9.24 -8.47
CA SER B 82 9.06 -9.41 -9.24
C SER B 82 9.04 -8.68 -10.57
N LEU B 83 7.87 -8.67 -11.21
CA LEU B 83 7.76 -8.09 -12.53
C LEU B 83 7.73 -6.60 -12.70
N GLY B 84 8.09 -6.20 -13.91
CA GLY B 84 8.06 -4.80 -14.27
C GLY B 84 9.16 -3.89 -13.80
N TRP B 85 10.16 -4.41 -13.10
CA TRP B 85 11.27 -3.56 -12.66
C TRP B 85 12.26 -3.28 -13.79
N GLU B 86 12.62 -2.02 -13.92
CA GLU B 86 13.56 -1.55 -14.92
C GLU B 86 14.80 -1.02 -14.20
N HIS B 87 15.99 -1.28 -14.77
CA HIS B 87 17.29 -0.84 -14.23
C HIS B 87 17.65 0.49 -14.85
N TYR B 88 17.94 1.50 -14.07
CA TYR B 88 18.35 2.76 -14.68
C TYR B 88 19.66 3.17 -14.03
N GLU B 89 20.43 3.99 -14.74
CA GLU B 89 21.75 4.41 -14.27
C GLU B 89 21.85 5.35 -13.06
N CYS B 90 21.11 6.44 -13.04
CA CYS B 90 21.17 7.24 -11.85
C CYS B 90 19.95 8.09 -11.57
N HIS B 91 19.87 8.66 -10.37
CA HIS B 91 18.73 9.45 -10.01
C HIS B 91 18.99 10.96 -10.08
N ALA B 92 18.47 11.63 -11.09
CA ALA B 92 18.68 13.08 -11.15
C ALA B 92 18.16 13.77 -9.90
N PRO B 93 18.74 14.90 -9.55
CA PRO B 93 18.20 15.53 -8.34
C PRO B 93 17.06 16.48 -8.69
N GLU B 94 16.45 17.02 -7.63
CA GLU B 94 15.38 18.03 -7.73
C GLU B 94 15.77 18.98 -8.86
N PRO B 95 14.78 19.54 -9.58
CA PRO B 95 15.16 20.43 -10.68
C PRO B 95 15.80 21.75 -10.29
N HIS B 96 15.72 22.18 -9.04
CA HIS B 96 16.31 23.47 -8.72
C HIS B 96 17.73 23.28 -8.30
N ILE B 97 18.21 22.05 -8.36
CA ILE B 97 19.58 21.75 -8.00
C ILE B 97 20.36 21.38 -9.23
N LEU B 98 21.43 22.09 -9.45
CA LEU B 98 22.28 21.90 -10.61
C LEU B 98 23.67 21.44 -10.30
N LEU B 99 24.03 20.26 -10.82
CA LEU B 99 25.35 19.62 -10.59
C LEU B 99 26.45 20.06 -11.55
N PHE B 100 27.66 20.27 -11.02
CA PHE B 100 28.79 20.64 -11.87
C PHE B 100 29.98 19.89 -11.40
N LYS B 101 30.94 19.64 -12.29
CA LYS B 101 32.17 18.91 -11.98
C LYS B 101 33.28 19.51 -12.76
N ARG B 102 34.50 19.38 -12.28
CA ARG B 102 35.66 19.96 -12.94
C ARG B 102 36.77 18.97 -12.84
N PRO B 103 37.52 18.80 -13.92
CA PRO B 103 38.65 17.86 -13.95
C PRO B 103 39.64 18.37 -12.93
N LEU B 104 40.35 17.50 -12.22
CA LEU B 104 41.29 18.01 -11.22
C LEU B 104 42.47 18.80 -11.81
N ASN B 105 42.70 18.62 -13.10
CA ASN B 105 43.77 19.28 -13.89
C ASN B 105 43.20 20.27 -14.94
N TYR B 106 42.15 21.02 -14.58
CA TYR B 106 41.58 21.92 -15.54
C TYR B 106 42.61 22.92 -15.91
N GLU B 107 43.57 23.12 -15.02
CA GLU B 107 44.63 24.11 -15.29
C GLU B 107 45.58 23.70 -16.37
N ALA B 108 45.81 22.39 -16.42
CA ALA B 108 46.68 21.87 -17.42
C ALA B 108 46.26 22.46 -18.77
N GLU B 109 44.98 22.37 -19.06
CA GLU B 109 44.50 22.84 -20.33
C GLU B 109 44.51 24.33 -20.49
N LEU B 110 44.34 25.06 -19.40
CA LEU B 110 44.35 26.51 -19.51
C LEU B 110 45.78 26.91 -19.76
N ARG B 111 46.70 26.21 -19.12
CA ARG B 111 48.08 26.51 -19.36
C ARG B 111 48.29 26.27 -20.86
N ALA B 112 47.75 25.17 -21.38
CA ALA B 112 47.90 24.90 -22.81
C ALA B 112 47.37 26.07 -23.65
N ALA B 113 46.07 26.36 -23.53
CA ALA B 113 45.48 27.45 -24.28
C ALA B 113 46.24 28.76 -24.09
N THR B 114 46.46 29.18 -22.84
CA THR B 114 47.18 30.43 -22.59
C THR B 114 48.46 30.41 -23.41
N ALA B 115 49.21 29.32 -23.28
CA ALA B 115 50.45 29.14 -24.02
C ALA B 115 50.13 29.36 -25.49
N ALA B 116 49.32 28.47 -26.03
CA ALA B 116 48.89 28.47 -27.42
C ALA B 116 48.47 29.84 -27.93
N ALA B 117 48.21 30.77 -27.01
CA ALA B 117 47.80 32.13 -27.36
C ALA B 117 48.96 33.10 -27.20
N GLN B 118 50.13 32.57 -26.94
CA GLN B 118 51.33 33.38 -26.79
C GLN B 118 52.24 32.86 -27.90
N GLN B 119 51.70 31.88 -28.64
CA GLN B 119 52.38 31.23 -29.76
C GLN B 119 51.88 31.82 -31.09
N GLN B 120 50.66 31.47 -31.48
CA GLN B 120 50.05 31.97 -32.71
C GLN B 120 49.70 33.46 -32.55
N GLN B 121 50.22 34.03 -31.46
CA GLN B 121 50.11 35.45 -31.13
C GLN B 121 51.42 35.95 -31.71
N GLN B 122 51.47 35.79 -33.02
CA GLN B 122 52.59 36.16 -33.85
C GLN B 122 52.03 37.22 -34.78
N GLN B 123 50.69 37.28 -34.82
CA GLN B 123 49.93 38.23 -35.67
C GLN B 123 50.50 39.63 -35.65
N GLN B 124 51.70 39.77 -36.23
CA GLN B 124 52.42 41.03 -36.32
C GLN B 124 53.05 41.14 -37.71
N HIS C 6 -26.48 6.89 35.22
CA HIS C 6 -26.18 5.98 34.07
C HIS C 6 -25.37 4.76 34.49
N ALA C 7 -24.54 4.90 35.51
CA ALA C 7 -23.72 3.78 35.96
C ALA C 7 -22.74 3.41 34.86
N PHE C 8 -21.88 4.37 34.53
CA PHE C 8 -20.84 4.23 33.51
C PHE C 8 -20.61 2.83 32.95
N GLN C 9 -20.67 2.74 31.63
CA GLN C 9 -20.45 1.48 30.94
C GLN C 9 -19.15 1.57 30.13
N GLY C 10 -18.10 0.89 30.58
CA GLY C 10 -16.83 0.92 29.90
C GLY C 10 -15.74 1.17 30.92
N ARG C 11 -14.60 1.70 30.47
CA ARG C 11 -13.49 2.00 31.38
C ARG C 11 -13.43 3.50 31.61
N LYS C 12 -14.16 4.01 32.58
CA LYS C 12 -14.16 5.44 32.82
C LYS C 12 -12.74 5.99 32.93
N LEU C 13 -12.55 7.21 32.44
CA LEU C 13 -11.23 7.84 32.52
C LEU C 13 -11.01 8.40 33.92
N THR C 14 -9.76 8.44 34.35
CA THR C 14 -9.42 8.99 35.66
C THR C 14 -9.49 10.48 35.56
N ASP C 15 -9.63 11.12 36.71
CA ASP C 15 -9.72 12.56 36.74
C ASP C 15 -8.62 13.26 35.94
N GLN C 16 -7.40 12.72 35.96
CA GLN C 16 -6.35 13.32 35.19
C GLN C 16 -6.61 13.04 33.74
N GLU C 17 -6.83 11.78 33.39
CA GLU C 17 -7.05 11.44 32.00
C GLU C 17 -8.06 12.38 31.44
N ARG C 18 -9.17 12.50 32.15
CA ARG C 18 -10.26 13.36 31.72
C ARG C 18 -9.81 14.79 31.46
N ALA C 19 -9.24 15.40 32.50
CA ALA C 19 -8.81 16.79 32.43
C ALA C 19 -7.79 17.05 31.33
N ARG C 20 -7.14 16.00 30.84
CA ARG C 20 -6.21 16.29 29.79
C ARG C 20 -6.85 16.21 28.41
N VAL C 21 -7.64 15.16 28.18
CA VAL C 21 -8.29 14.97 26.90
C VAL C 21 -9.18 16.15 26.60
N LEU C 22 -9.89 16.60 27.61
CA LEU C 22 -10.77 17.71 27.42
C LEU C 22 -10.12 18.94 26.79
N GLU C 23 -8.80 18.91 26.70
CA GLU C 23 -8.04 20.01 26.10
C GLU C 23 -8.47 20.19 24.64
N PHE C 24 -8.62 19.07 23.93
CA PHE C 24 -8.98 19.06 22.52
C PHE C 24 -10.46 19.16 22.15
N GLN C 25 -11.34 19.04 23.14
CA GLN C 25 -12.76 19.07 22.86
C GLN C 25 -13.21 20.05 21.80
N ASP C 26 -13.01 21.34 22.05
CA ASP C 26 -13.40 22.40 21.12
C ASP C 26 -12.81 22.31 19.72
N SER C 27 -12.02 21.29 19.40
CA SER C 27 -11.37 21.20 18.09
C SER C 27 -11.67 19.86 17.42
N ILE C 28 -12.58 19.10 18.05
CA ILE C 28 -13.06 17.83 17.52
C ILE C 28 -14.05 18.22 16.39
N HIS C 29 -13.96 17.58 15.24
CA HIS C 29 -14.82 17.93 14.11
C HIS C 29 -15.81 16.87 13.71
N TYR C 30 -17.04 17.31 13.41
CA TYR C 30 -18.12 16.42 13.03
C TYR C 30 -18.53 16.58 11.59
N SER C 31 -18.50 15.48 10.85
CA SER C 31 -18.90 15.54 9.46
C SER C 31 -20.40 15.69 9.37
N PRO C 32 -20.90 15.97 8.18
CA PRO C 32 -22.33 16.12 8.03
C PRO C 32 -22.85 14.68 7.96
N ARG C 33 -24.14 14.48 8.24
CA ARG C 33 -24.71 13.14 8.20
C ARG C 33 -25.02 12.77 6.76
N TYR C 34 -25.14 11.48 6.52
CA TYR C 34 -25.46 10.97 5.22
C TYR C 34 -26.13 9.66 5.52
N SER C 35 -26.88 9.10 4.57
CA SER C 35 -27.59 7.84 4.87
C SER C 35 -27.85 6.96 3.67
N ASP C 36 -28.44 5.82 3.92
CA ASP C 36 -28.81 4.89 2.85
C ASP C 36 -30.21 4.32 3.20
N ASP C 37 -30.64 3.28 2.52
CA ASP C 37 -31.95 2.73 2.83
C ASP C 37 -31.97 1.92 4.12
N ASN C 38 -31.39 2.45 5.19
CA ASN C 38 -31.43 1.70 6.44
C ASN C 38 -30.72 2.37 7.60
N TYR C 39 -29.74 3.20 7.28
CA TYR C 39 -28.96 3.90 8.32
C TYR C 39 -28.65 5.36 8.09
N GLU C 40 -28.15 5.98 9.16
CA GLU C 40 -27.74 7.37 9.11
C GLU C 40 -26.28 7.33 9.51
N TYR C 41 -25.43 8.02 8.77
CA TYR C 41 -23.98 8.01 9.00
C TYR C 41 -23.25 9.32 9.14
N ARG C 42 -22.12 9.28 9.86
CA ARG C 42 -21.24 10.45 10.04
C ARG C 42 -19.95 10.03 10.70
N HIS C 43 -18.99 10.93 10.72
CA HIS C 43 -17.73 10.62 11.39
C HIS C 43 -17.18 11.81 12.13
N VAL C 44 -16.47 11.48 13.22
CA VAL C 44 -15.85 12.50 14.02
C VAL C 44 -14.33 12.44 13.82
N MET C 45 -13.74 13.58 13.45
CA MET C 45 -12.30 13.67 13.19
C MET C 45 -11.59 14.35 14.36
N LEU C 46 -10.79 13.62 15.13
CA LEU C 46 -10.09 14.19 16.28
C LEU C 46 -8.79 14.80 15.85
N PRO C 47 -8.38 15.91 16.50
CA PRO C 47 -7.11 16.51 16.12
C PRO C 47 -6.04 15.49 16.62
N LYS C 48 -5.18 15.01 15.71
CA LYS C 48 -4.17 14.00 16.06
C LYS C 48 -3.48 14.13 17.44
N ALA C 49 -3.01 15.32 17.77
CA ALA C 49 -2.41 15.56 19.07
C ALA C 49 -3.19 14.80 20.14
N MET C 50 -4.52 14.94 20.09
CA MET C 50 -5.43 14.31 21.03
C MET C 50 -5.25 12.81 21.09
N LEU C 51 -4.85 12.20 19.98
CA LEU C 51 -4.63 10.78 20.00
C LEU C 51 -3.60 10.43 21.07
N LYS C 52 -2.55 11.24 21.14
CA LYS C 52 -1.45 11.06 22.09
C LYS C 52 -1.86 11.14 23.57
N VAL C 53 -2.98 11.79 23.86
CA VAL C 53 -3.44 11.83 25.24
C VAL C 53 -4.67 10.92 25.53
N ILE C 54 -4.94 9.94 24.67
CA ILE C 54 -6.08 9.03 24.90
C ILE C 54 -5.44 7.80 25.51
N PRO C 55 -5.96 7.26 26.63
CA PRO C 55 -5.41 6.07 27.29
C PRO C 55 -5.10 5.01 26.27
N SER C 56 -4.12 4.17 26.56
CA SER C 56 -3.77 3.13 25.62
C SER C 56 -4.74 1.95 25.65
N ASP C 57 -5.52 1.81 26.71
CA ASP C 57 -6.45 0.70 26.74
C ASP C 57 -7.65 1.01 25.84
N TYR C 58 -7.67 2.22 25.28
CA TYR C 58 -8.75 2.70 24.40
C TYR C 58 -8.32 2.42 22.98
N PHE C 59 -7.24 1.66 22.85
CA PHE C 59 -6.68 1.32 21.56
C PHE C 59 -6.61 -0.15 21.22
N ASN C 60 -6.64 -0.42 19.93
CA ASN C 60 -6.55 -1.75 19.39
C ASN C 60 -5.06 -1.94 19.12
N SER C 61 -4.35 -2.61 20.02
CA SER C 61 -2.91 -2.81 19.87
C SER C 61 -2.42 -3.40 18.52
N GLU C 62 -3.26 -4.23 17.88
CA GLU C 62 -2.93 -4.87 16.60
C GLU C 62 -3.01 -3.92 15.39
N VAL C 63 -3.74 -2.83 15.54
CA VAL C 63 -3.94 -1.93 14.43
C VAL C 63 -3.46 -0.49 14.68
N GLY C 64 -3.59 -0.02 15.92
CA GLY C 64 -3.20 1.36 16.20
C GLY C 64 -4.39 2.34 16.13
N THR C 65 -5.57 1.78 15.92
CA THR C 65 -6.79 2.55 15.85
C THR C 65 -7.50 2.39 17.18
N LEU C 66 -8.64 3.04 17.35
CA LEU C 66 -9.38 2.93 18.61
C LEU C 66 -10.24 1.66 18.66
N ARG C 67 -10.28 0.99 19.81
CA ARG C 67 -11.12 -0.19 19.92
C ARG C 67 -12.54 0.36 19.94
N ILE C 68 -13.54 -0.53 19.90
CA ILE C 68 -14.91 -0.04 19.92
C ILE C 68 -15.12 0.66 21.22
N LEU C 69 -15.83 1.78 21.17
CA LEU C 69 -16.09 2.53 22.39
C LEU C 69 -17.56 2.51 22.75
N THR C 70 -17.87 2.29 24.02
CA THR C 70 -19.28 2.34 24.45
C THR C 70 -19.59 3.83 24.38
N GLU C 71 -20.85 4.22 24.44
CA GLU C 71 -21.18 5.63 24.37
C GLU C 71 -20.61 6.40 25.56
N ASP C 72 -20.75 5.87 26.77
CA ASP C 72 -20.19 6.57 27.92
C ASP C 72 -18.72 6.86 27.65
N GLU C 73 -18.01 5.88 27.10
CA GLU C 73 -16.62 6.07 26.79
C GLU C 73 -16.42 7.22 25.82
N TRP C 74 -16.95 7.14 24.61
CA TRP C 74 -16.70 8.21 23.68
C TRP C 74 -17.23 9.56 24.13
N ARG C 75 -18.21 9.55 25.03
CA ARG C 75 -18.75 10.82 25.55
C ARG C 75 -17.67 11.32 26.47
N GLY C 76 -17.01 10.36 27.13
CA GLY C 76 -15.94 10.64 28.07
C GLY C 76 -14.80 11.41 27.45
N LEU C 77 -14.45 11.07 26.21
CA LEU C 77 -13.37 11.76 25.50
C LEU C 77 -13.75 13.17 25.12
N GLY C 78 -14.98 13.60 25.42
CA GLY C 78 -15.39 14.94 25.06
C GLY C 78 -16.07 14.99 23.68
N ILE C 79 -16.23 13.83 23.03
CA ILE C 79 -16.94 13.79 21.76
C ILE C 79 -18.40 13.94 22.18
N THR C 80 -19.12 14.85 21.52
CA THR C 80 -20.50 15.03 21.90
C THR C 80 -21.44 15.20 20.74
N GLN C 81 -22.48 14.38 20.76
CA GLN C 81 -23.49 14.41 19.73
C GLN C 81 -24.81 13.91 20.31
N SER C 82 -25.88 14.10 19.54
CA SER C 82 -27.23 13.70 19.92
C SER C 82 -27.34 12.22 20.17
N LEU C 83 -28.52 11.81 20.57
CA LEU C 83 -28.75 10.44 20.92
C LEU C 83 -28.76 9.34 19.87
N GLY C 84 -28.57 8.14 20.38
CA GLY C 84 -28.62 6.99 19.52
C GLY C 84 -27.51 6.76 18.56
N TRP C 85 -26.41 7.47 18.71
CA TRP C 85 -25.28 7.27 17.81
C TRP C 85 -24.45 6.07 18.27
N GLU C 86 -24.13 5.15 17.35
CA GLU C 86 -23.32 3.96 17.63
C GLU C 86 -21.90 4.05 16.99
N HIS C 87 -20.84 3.79 17.77
CA HIS C 87 -19.47 3.84 17.25
C HIS C 87 -19.13 2.50 16.63
N TYR C 88 -18.76 2.45 15.35
CA TYR C 88 -18.38 1.16 14.75
C TYR C 88 -16.97 1.26 14.17
N GLU C 89 -16.27 0.14 14.06
CA GLU C 89 -14.88 0.13 13.60
C GLU C 89 -14.59 0.42 12.13
N CYS C 90 -15.32 -0.22 11.26
CA CYS C 90 -15.07 -0.01 9.88
C CYS C 90 -16.32 -0.11 9.04
N HIS C 91 -16.25 0.39 7.82
CA HIS C 91 -17.40 0.46 6.95
C HIS C 91 -17.19 -0.24 5.61
N ALA C 92 -17.19 -1.56 5.61
CA ALA C 92 -17.04 -2.31 4.37
C ALA C 92 -17.80 -1.64 3.24
N PRO C 93 -17.28 -1.69 2.01
CA PRO C 93 -17.92 -1.08 0.84
C PRO C 93 -19.03 -1.90 0.21
N GLU C 94 -19.64 -1.37 -0.87
CA GLU C 94 -20.72 -2.08 -1.58
C GLU C 94 -20.14 -3.32 -2.22
N PRO C 95 -20.95 -4.36 -2.33
CA PRO C 95 -20.57 -5.65 -2.92
C PRO C 95 -19.79 -5.71 -4.25
N HIS C 96 -19.98 -4.75 -5.16
CA HIS C 96 -19.27 -4.83 -6.40
C HIS C 96 -17.84 -4.35 -6.28
N ILE C 97 -17.51 -3.78 -5.13
CA ILE C 97 -16.16 -3.28 -4.91
C ILE C 97 -15.39 -4.19 -4.00
N LEU C 98 -14.41 -4.90 -4.54
CA LEU C 98 -13.57 -5.78 -3.72
C LEU C 98 -12.26 -5.11 -3.30
N LEU C 99 -11.83 -5.35 -2.06
CA LEU C 99 -10.57 -4.80 -1.51
C LEU C 99 -9.41 -5.82 -1.49
N PHE C 100 -8.22 -5.35 -1.87
CA PHE C 100 -7.01 -6.17 -1.89
C PHE C 100 -5.80 -5.47 -1.25
N LYS C 101 -4.89 -6.26 -0.72
CA LYS C 101 -3.69 -5.71 -0.12
C LYS C 101 -2.56 -6.66 -0.25
N ARG C 102 -1.34 -6.14 -0.26
CA ARG C 102 -0.17 -7.00 -0.25
C ARG C 102 0.81 -6.31 0.64
N PRO C 103 1.49 -7.11 1.43
CA PRO C 103 2.51 -6.64 2.38
C PRO C 103 3.66 -5.99 1.60
N LEU C 104 4.04 -4.79 1.99
CA LEU C 104 5.11 -4.05 1.34
C LEU C 104 6.40 -4.83 1.07
N ASN C 105 6.61 -5.93 1.78
CA ASN C 105 7.80 -6.73 1.54
C ASN C 105 7.45 -8.10 0.93
N TYR C 106 6.51 -8.13 -0.04
CA TYR C 106 6.09 -9.36 -0.70
C TYR C 106 7.23 -9.93 -1.55
N GLU C 107 8.15 -9.08 -1.97
CA GLU C 107 9.31 -9.52 -2.75
C GLU C 107 9.97 -10.66 -1.98
N ALA C 108 10.27 -10.35 -0.73
CA ALA C 108 10.92 -11.25 0.20
C ALA C 108 10.17 -12.55 0.49
N GLU C 109 9.03 -12.46 1.19
CA GLU C 109 8.28 -13.66 1.52
C GLU C 109 8.33 -14.67 0.35
N LEU C 110 8.37 -14.12 -0.86
CA LEU C 110 8.37 -14.83 -2.13
C LEU C 110 9.73 -15.30 -2.56
N ARG C 111 10.74 -14.62 -2.05
CA ARG C 111 12.13 -14.95 -2.32
C ARG C 111 12.36 -16.20 -1.45
N ALA C 112 11.94 -16.13 -0.17
CA ALA C 112 12.06 -17.25 0.77
C ALA C 112 11.55 -18.48 0.06
N ALA C 113 10.46 -18.28 -0.66
CA ALA C 113 9.85 -19.35 -1.39
C ALA C 113 10.44 -19.58 -2.79
N THR C 114 11.74 -19.85 -2.86
CA THR C 114 12.39 -20.16 -4.14
C THR C 114 13.92 -20.30 -4.00
#